data_4U71
#
_entry.id   4U71
#
_cell.length_a   47.355
_cell.length_b   77.248
_cell.length_c   48.434
_cell.angle_alpha   90.00
_cell.angle_beta   90.92
_cell.angle_gamma   90.00
#
_symmetry.space_group_name_H-M   'P 1 21 1'
#
loop_
_entity.id
_entity.type
_entity.pdbx_description
1 polymer 'Methionine aminopeptidase 1'
2 non-polymer 'COBALT (II) ION'
3 non-polymer 'POTASSIUM ION'
4 non-polymer GLYCEROL
5 non-polymer '[(R)-amino(cyclohexyl)methyl]phosphonic acid'
6 water water
#
_entity_poly.entity_id   1
_entity_poly.type   'polypeptide(L)'
_entity_poly.pdbx_seq_one_letter_code
;YRYTGKLRPHYPLMPTRPVPSYIQRPDYADHPLGMSESEQALKGTSQIKLLSSEDIEGMRLVCRLAREVLDVAAGMIKPG
VTTEEIDHAVHLACIARNCYPSPLNYYNFPKSCCTSVNEVICHGIPDRRPLQEGDIVNVDITLYRNGYHGDLNETFFVGE
VDDGARKLVQTTYECLMQAIDAVKPGVRYRELGNIIQKHAQANGFSVVRSYCGHGIHKLMHTAPNVPHYAKNKAVGVMKS
GHVFTIEPMICEGGWQDETWPDGWTAVTRDGKRSAQFEHTLLVTDTGCEILTRRLDSARPHFMSQF
;
_entity_poly.pdbx_strand_id   A
#
# COMPACT_ATOMS: atom_id res chain seq x y z
N TYR A 1 11.30 23.25 8.48
CA TYR A 1 10.57 22.04 8.97
C TYR A 1 11.34 21.31 10.09
N ARG A 2 10.63 20.95 11.14
CA ARG A 2 11.20 20.18 12.25
C ARG A 2 10.92 18.69 12.00
N TYR A 3 11.95 17.89 11.71
CA TYR A 3 11.77 16.43 11.55
C TYR A 3 11.32 15.78 12.85
N THR A 4 10.52 14.71 12.75
CA THR A 4 9.90 14.07 13.92
C THR A 4 10.71 13.00 14.47
N GLY A 5 11.68 12.55 13.68
CA GLY A 5 12.59 11.49 14.03
C GLY A 5 14.00 11.70 13.52
N LYS A 6 14.74 10.59 13.37
CA LYS A 6 16.12 10.56 12.85
C LYS A 6 16.19 10.50 11.33
N LEU A 7 15.13 10.05 10.66
CA LEU A 7 15.15 10.03 9.19
C LEU A 7 15.20 11.42 8.60
N ARG A 8 15.83 11.54 7.43
CA ARG A 8 15.88 12.70 6.65
C ARG A 8 15.73 12.28 5.19
N PRO A 9 15.17 13.15 4.34
CA PRO A 9 15.23 12.88 2.90
C PRO A 9 16.72 13.00 2.41
N HIS A 10 17.07 12.21 1.40
CA HIS A 10 18.43 12.21 0.80
C HIS A 10 18.26 12.57 -0.64
N TYR A 11 18.39 13.85 -0.92
CA TYR A 11 18.36 14.45 -2.23
C TYR A 11 19.80 14.58 -2.86
N PRO A 12 19.83 14.81 -4.14
CA PRO A 12 18.73 15.00 -5.04
C PRO A 12 18.09 13.68 -5.52
N LEU A 13 16.86 13.75 -6.04
CA LEU A 13 16.22 12.67 -6.64
C LEU A 13 16.58 12.69 -8.10
N MET A 14 16.75 11.48 -8.62
CA MET A 14 16.94 11.30 -10.06
C MET A 14 15.77 11.81 -10.83
N PRO A 15 16.07 12.22 -12.03
CA PRO A 15 15.01 12.75 -12.85
C PRO A 15 13.89 11.69 -13.05
N THR A 16 12.63 12.12 -13.11
CA THR A 16 11.54 11.16 -13.29
C THR A 16 11.84 10.14 -14.41
N ARG A 17 11.57 8.88 -14.14
CA ARG A 17 11.84 7.80 -15.12
C ARG A 17 10.70 7.72 -16.15
N PRO A 18 10.99 7.68 -17.49
CA PRO A 18 9.89 7.54 -18.42
C PRO A 18 9.42 6.08 -18.55
N VAL A 19 8.18 5.99 -19.04
CA VAL A 19 7.52 4.74 -19.30
C VAL A 19 7.32 4.69 -20.84
N PRO A 20 7.81 3.61 -21.46
CA PRO A 20 7.70 3.54 -22.94
C PRO A 20 6.24 3.73 -23.38
N SER A 21 6.07 4.39 -24.52
CA SER A 21 4.71 4.74 -24.97
C SER A 21 3.87 3.59 -25.32
N TYR A 22 4.45 2.40 -25.47
CA TYR A 22 3.62 1.20 -25.78
C TYR A 22 2.85 0.67 -24.58
N ILE A 23 3.25 1.06 -23.39
CA ILE A 23 2.51 0.73 -22.14
C ILE A 23 1.34 1.66 -21.99
N GLN A 24 0.16 1.11 -21.72
CA GLN A 24 -1.04 1.91 -21.56
C GLN A 24 -1.06 2.65 -20.26
N ARG A 25 -1.54 3.88 -20.33
CA ARG A 25 -1.35 4.83 -19.28
C ARG A 25 -2.69 5.21 -18.69
N PRO A 26 -2.70 5.37 -17.35
CA PRO A 26 -3.88 5.86 -16.72
C PRO A 26 -4.07 7.37 -17.01
N ASP A 27 -5.28 7.88 -16.80
CA ASP A 27 -5.61 9.29 -17.18
C ASP A 27 -4.68 10.32 -16.52
N TYR A 28 -4.41 10.14 -15.23
CA TYR A 28 -3.49 11.06 -14.54
C TYR A 28 -2.07 11.08 -14.97
N ALA A 29 -1.60 10.08 -15.71
CA ALA A 29 -0.23 10.02 -16.14
C ALA A 29 0.24 11.23 -16.95
N ASP A 30 -0.67 11.81 -17.72
CA ASP A 30 -0.39 12.94 -18.62
C ASP A 30 -1.11 14.21 -18.19
N HIS A 31 -1.72 14.22 -17.03
CA HIS A 31 -2.25 15.46 -16.52
C HIS A 31 -1.10 16.24 -15.84
N PRO A 32 -1.06 17.57 -16.05
CA PRO A 32 0.07 18.29 -15.49
C PRO A 32 0.22 18.26 -13.96
N LEU A 33 -0.88 18.20 -13.25
CA LEU A 33 -0.82 18.06 -11.80
C LEU A 33 -1.03 16.62 -11.30
N GLY A 34 -0.98 15.68 -12.24
CA GLY A 34 -1.34 14.28 -11.98
C GLY A 34 -2.70 14.03 -11.44
N MET A 35 -3.67 14.87 -11.78
CA MET A 35 -5.01 14.62 -11.29
C MET A 35 -5.72 13.63 -12.15
N SER A 36 -6.62 12.85 -11.55
CA SER A 36 -7.32 11.79 -12.23
C SER A 36 -8.79 12.24 -12.45
N GLU A 37 -9.08 12.65 -13.62
CA GLU A 37 -10.45 13.21 -13.86
C GLU A 37 -11.47 12.15 -13.64
N SER A 38 -11.17 10.91 -14.01
CA SER A 38 -12.05 9.78 -13.73
C SER A 38 -12.28 9.59 -12.22
N GLU A 39 -11.27 9.72 -11.36
CA GLU A 39 -11.56 9.70 -9.90
C GLU A 39 -12.35 10.93 -9.42
N GLN A 40 -11.99 12.10 -9.90
CA GLN A 40 -12.65 13.32 -9.46
C GLN A 40 -14.15 13.33 -9.82
N ALA A 41 -14.47 12.76 -10.98
CA ALA A 41 -15.85 12.63 -11.44
C ALA A 41 -16.64 11.77 -10.47
N LEU A 42 -15.98 11.03 -9.56
CA LEU A 42 -16.77 10.26 -8.57
C LEU A 42 -16.49 10.66 -7.16
N LYS A 43 -15.83 11.81 -6.98
CA LYS A 43 -15.54 12.31 -5.65
C LYS A 43 -16.87 12.37 -4.88
N GLY A 44 -16.82 12.00 -3.60
CA GLY A 44 -17.94 12.14 -2.69
C GLY A 44 -19.15 11.24 -2.91
N THR A 45 -19.01 10.27 -3.84
CA THR A 45 -20.02 9.20 -4.05
C THR A 45 -19.63 7.95 -3.24
N SER A 46 -20.60 7.25 -2.68
CA SER A 46 -20.29 6.14 -1.76
C SER A 46 -20.79 4.83 -2.37
N GLN A 47 -21.45 4.89 -3.49
CA GLN A 47 -21.76 3.73 -4.31
C GLN A 47 -20.51 2.92 -4.80
N ILE A 48 -20.62 1.60 -4.75
CA ILE A 48 -19.51 0.69 -4.98
C ILE A 48 -19.77 -0.15 -6.22
N LYS A 49 -18.84 -0.12 -7.15
CA LYS A 49 -18.98 -0.92 -8.35
C LYS A 49 -19.10 -2.39 -8.03
N LEU A 50 -19.98 -3.05 -8.79
CA LEU A 50 -20.10 -4.49 -8.77
C LEU A 50 -19.38 -5.02 -10.00
N LEU A 51 -18.27 -5.74 -9.83
CA LEU A 51 -17.43 -6.07 -10.96
C LEU A 51 -18.01 -7.17 -11.86
N SER A 52 -17.81 -7.02 -13.15
CA SER A 52 -18.28 -8.01 -14.11
C SER A 52 -17.24 -9.04 -14.08
N SER A 53 -17.48 -10.11 -14.84
CA SER A 53 -16.53 -11.19 -14.94
C SER A 53 -15.26 -10.82 -15.72
N GLU A 54 -15.39 -10.01 -16.77
CA GLU A 54 -14.25 -9.46 -17.44
C GLU A 54 -13.40 -8.57 -16.44
N ASP A 55 -14.08 -7.83 -15.61
CA ASP A 55 -13.45 -6.91 -14.66
C ASP A 55 -12.65 -7.77 -13.64
N ILE A 56 -13.23 -8.90 -13.23
CA ILE A 56 -12.60 -9.86 -12.31
C ILE A 56 -11.38 -10.48 -12.92
N GLU A 57 -11.45 -10.92 -14.17
CA GLU A 57 -10.26 -11.38 -14.84
C GLU A 57 -9.15 -10.33 -14.90
N GLY A 58 -9.56 -9.09 -15.14
CA GLY A 58 -8.54 -8.03 -15.26
C GLY A 58 -7.86 -7.75 -13.91
N MET A 59 -8.68 -7.77 -12.86
CA MET A 59 -8.12 -7.56 -11.53
C MET A 59 -7.24 -8.73 -11.08
N ARG A 60 -7.66 -9.97 -11.38
CA ARG A 60 -6.81 -11.10 -11.07
C ARG A 60 -5.45 -11.02 -11.73
N LEU A 61 -5.42 -10.63 -13.00
CA LEU A 61 -4.13 -10.59 -13.68
C LEU A 61 -3.25 -9.46 -13.09
N VAL A 62 -3.84 -8.26 -12.97
CA VAL A 62 -2.99 -7.15 -12.55
C VAL A 62 -2.48 -7.33 -11.14
N CYS A 63 -3.32 -7.89 -10.27
CA CYS A 63 -2.89 -8.14 -8.87
C CYS A 63 -1.85 -9.24 -8.77
N ARG A 64 -1.92 -10.23 -9.68
CA ARG A 64 -0.87 -11.25 -9.73
C ARG A 64 0.40 -10.63 -10.20
N LEU A 65 0.34 -9.73 -11.18
CA LEU A 65 1.62 -9.09 -11.62
C LEU A 65 2.21 -8.16 -10.57
N ALA A 66 1.32 -7.50 -9.87
CA ALA A 66 1.76 -6.62 -8.78
C ALA A 66 2.49 -7.43 -7.72
N ARG A 67 1.94 -8.57 -7.34
CA ARG A 67 2.68 -9.40 -6.38
C ARG A 67 4.05 -9.77 -6.92
N GLU A 68 4.14 -10.21 -8.19
CA GLU A 68 5.44 -10.50 -8.77
C GLU A 68 6.43 -9.34 -8.58
N VAL A 69 5.93 -8.11 -8.83
CA VAL A 69 6.83 -6.97 -8.67
C VAL A 69 7.23 -6.74 -7.21
N LEU A 70 6.28 -6.92 -6.28
N LEU A 70 6.30 -6.91 -6.27
CA LEU A 70 6.64 -6.78 -4.85
CA LEU A 70 6.69 -6.74 -4.87
C LEU A 70 7.73 -7.76 -4.50
C LEU A 70 7.76 -7.75 -4.51
N ASP A 71 7.61 -8.96 -5.04
CA ASP A 71 8.59 -10.07 -4.72
C ASP A 71 9.99 -9.70 -5.22
N VAL A 72 10.06 -9.06 -6.41
CA VAL A 72 11.31 -8.51 -6.92
C VAL A 72 11.90 -7.54 -5.93
N ALA A 73 11.09 -6.58 -5.46
CA ALA A 73 11.55 -5.65 -4.42
C ALA A 73 12.00 -6.34 -3.12
N ALA A 74 11.25 -7.33 -2.68
CA ALA A 74 11.61 -8.09 -1.48
C ALA A 74 12.98 -8.72 -1.64
N GLY A 75 13.33 -9.19 -2.85
CA GLY A 75 14.62 -9.83 -3.07
C GLY A 75 15.83 -8.89 -3.00
N MET A 76 15.57 -7.57 -2.92
CA MET A 76 16.61 -6.55 -2.93
C MET A 76 16.88 -5.95 -1.58
N ILE A 77 16.07 -6.31 -0.61
CA ILE A 77 16.11 -5.68 0.69
C ILE A 77 17.37 -6.18 1.43
N LYS A 78 18.34 -5.30 1.60
CA LYS A 78 19.50 -5.61 2.49
C LYS A 78 20.19 -4.29 2.80
N PRO A 79 20.98 -4.22 3.89
CA PRO A 79 21.76 -3.06 4.15
C PRO A 79 22.59 -2.64 2.99
N GLY A 80 22.61 -1.30 2.77
CA GLY A 80 23.41 -0.63 1.78
C GLY A 80 22.64 -0.28 0.48
N VAL A 81 21.54 -0.95 0.27
CA VAL A 81 20.73 -0.70 -1.00
C VAL A 81 19.96 0.58 -0.74
N THR A 82 19.90 1.46 -1.73
CA THR A 82 19.16 2.70 -1.54
C THR A 82 17.69 2.46 -1.98
N THR A 83 16.82 3.23 -1.42
CA THR A 83 15.44 3.12 -1.91
C THR A 83 15.22 3.47 -3.35
N GLU A 84 15.94 4.44 -3.88
CA GLU A 84 15.92 4.68 -5.30
C GLU A 84 16.32 3.50 -6.15
N GLU A 85 17.26 2.68 -5.66
CA GLU A 85 17.68 1.46 -6.37
C GLU A 85 16.56 0.47 -6.42
N ILE A 86 15.79 0.39 -5.31
CA ILE A 86 14.66 -0.51 -5.25
C ILE A 86 13.61 -0.06 -6.30
N ASP A 87 13.39 1.24 -6.26
CA ASP A 87 12.34 1.88 -7.17
C ASP A 87 12.73 1.63 -8.65
N HIS A 88 14.00 1.76 -8.95
CA HIS A 88 14.51 1.54 -10.36
C HIS A 88 14.21 0.14 -10.85
N ALA A 89 14.49 -0.84 -10.01
CA ALA A 89 14.19 -2.24 -10.27
C ALA A 89 12.68 -2.47 -10.42
N VAL A 90 11.86 -1.78 -9.57
CA VAL A 90 10.38 -1.92 -9.59
C VAL A 90 9.88 -1.42 -10.95
N HIS A 91 10.32 -0.21 -11.28
CA HIS A 91 10.03 0.46 -12.54
C HIS A 91 10.26 -0.47 -13.73
N LEU A 92 11.43 -1.05 -13.79
CA LEU A 92 11.77 -2.01 -14.89
C LEU A 92 10.94 -3.28 -14.88
N ALA A 93 10.64 -3.77 -13.69
CA ALA A 93 9.81 -4.99 -13.53
C ALA A 93 8.37 -4.73 -13.93
N CYS A 94 7.85 -3.49 -13.67
N CYS A 94 7.90 -3.52 -13.65
CA CYS A 94 6.52 -3.11 -14.14
CA CYS A 94 6.62 -3.07 -14.08
C CYS A 94 6.47 -3.11 -15.68
C CYS A 94 6.50 -3.08 -15.61
N ILE A 95 7.48 -2.45 -16.25
CA ILE A 95 7.58 -2.36 -17.70
C ILE A 95 7.75 -3.70 -18.38
N ALA A 96 8.51 -4.59 -17.75
CA ALA A 96 8.70 -5.94 -18.26
C ALA A 96 7.43 -6.69 -18.29
N ARG A 97 6.46 -6.33 -17.44
CA ARG A 97 5.13 -6.94 -17.44
C ARG A 97 4.08 -6.15 -18.17
N ASN A 98 4.50 -5.19 -18.98
CA ASN A 98 3.59 -4.36 -19.76
C ASN A 98 2.58 -3.69 -18.91
N CYS A 99 3.08 -3.22 -17.77
CA CYS A 99 2.22 -2.47 -16.84
C CYS A 99 2.82 -1.10 -16.59
N TYR A 100 1.95 -0.15 -16.26
CA TYR A 100 2.36 1.19 -15.86
C TYR A 100 2.48 1.15 -14.30
N PRO A 101 3.51 1.81 -13.73
CA PRO A 101 3.65 1.94 -12.30
C PRO A 101 2.67 3.00 -11.81
N SER A 102 1.55 2.53 -11.31
CA SER A 102 0.45 3.43 -10.89
C SER A 102 0.82 4.64 -10.11
N PRO A 103 1.78 4.55 -9.14
CA PRO A 103 2.08 5.74 -8.39
C PRO A 103 2.72 6.86 -9.17
N LEU A 104 3.35 6.55 -10.32
CA LEU A 104 4.18 7.52 -11.01
C LEU A 104 3.27 8.61 -11.63
N ASN A 105 3.52 9.81 -11.15
CA ASN A 105 2.75 11.02 -11.43
C ASN A 105 1.34 11.02 -10.93
N TYR A 106 1.00 10.10 -10.00
CA TYR A 106 -0.28 10.18 -9.36
C TYR A 106 -0.29 11.41 -8.44
N TYR A 107 -1.09 12.43 -8.83
CA TYR A 107 -0.98 13.74 -8.16
C TYR A 107 0.46 14.16 -7.92
N ASN A 108 1.27 13.91 -8.94
CA ASN A 108 2.63 14.34 -9.13
C ASN A 108 3.60 13.61 -8.16
N PHE A 109 3.17 12.48 -7.66
CA PHE A 109 4.12 11.57 -6.90
C PHE A 109 5.23 11.26 -7.88
N PRO A 110 6.50 11.35 -7.44
CA PRO A 110 7.62 11.40 -8.41
C PRO A 110 8.28 10.04 -8.75
N LYS A 111 7.83 8.95 -8.12
CA LYS A 111 8.49 7.66 -8.23
C LYS A 111 7.48 6.60 -8.53
N SER A 112 7.92 5.36 -8.69
CA SER A 112 7.16 4.27 -9.20
C SER A 112 6.60 3.35 -8.16
N CYS A 113 6.99 3.62 -6.90
CA CYS A 113 6.56 2.82 -5.75
C CYS A 113 6.77 3.75 -4.51
N CYS A 114 6.25 3.34 -3.38
CA CYS A 114 6.53 4.05 -2.13
C CYS A 114 7.40 3.16 -1.22
N THR A 115 8.39 3.79 -0.65
CA THR A 115 9.32 3.10 0.30
C THR A 115 9.29 3.91 1.61
N SER A 116 8.86 3.23 2.68
CA SER A 116 8.56 3.88 3.96
C SER A 116 9.39 3.19 4.99
N VAL A 117 10.33 3.98 5.52
CA VAL A 117 11.30 3.54 6.50
C VAL A 117 10.92 4.01 7.91
N ASN A 118 10.97 3.07 8.88
CA ASN A 118 10.86 3.37 10.34
C ASN A 118 9.66 4.28 10.67
N GLU A 119 9.85 5.57 10.95
CA GLU A 119 8.77 6.49 11.35
C GLU A 119 7.88 6.94 10.16
N VAL A 120 8.24 6.53 8.98
CA VAL A 120 7.36 6.82 7.82
C VAL A 120 6.19 5.86 7.86
N ILE A 121 5.00 6.43 8.01
CA ILE A 121 3.77 5.69 8.06
C ILE A 121 3.43 5.15 6.65
N CYS A 122 3.47 6.04 5.69
CA CYS A 122 3.23 5.63 4.29
C CYS A 122 3.70 6.71 3.31
N HIS A 123 3.71 6.37 2.01
CA HIS A 123 4.05 7.25 0.91
C HIS A 123 5.42 7.84 0.88
N GLY A 124 6.35 7.18 1.58
CA GLY A 124 7.71 7.62 1.42
C GLY A 124 8.26 7.55 0.00
N ILE A 125 9.06 8.54 -0.32
CA ILE A 125 9.57 8.69 -1.64
C ILE A 125 10.95 8.04 -1.76
N PRO A 126 11.10 7.15 -2.71
CA PRO A 126 12.43 6.49 -2.88
C PRO A 126 13.49 7.57 -3.11
N ASP A 127 14.66 7.47 -2.42
CA ASP A 127 15.73 8.51 -2.52
C ASP A 127 17.14 7.86 -2.25
N ARG A 128 18.11 8.71 -2.08
CA ARG A 128 19.52 8.26 -2.09
C ARG A 128 19.93 7.62 -0.80
N ARG A 129 19.01 7.46 0.14
CA ARG A 129 19.41 6.86 1.41
C ARG A 129 19.59 5.33 1.35
N PRO A 130 20.80 4.83 1.77
CA PRO A 130 20.99 3.37 1.84
C PRO A 130 20.26 2.83 3.04
N LEU A 131 19.61 1.69 2.90
CA LEU A 131 19.03 1.00 4.05
C LEU A 131 20.12 0.61 5.08
N GLN A 132 19.74 0.79 6.32
CA GLN A 132 20.57 0.55 7.48
C GLN A 132 20.15 -0.70 8.18
N GLU A 133 21.13 -1.51 8.57
CA GLU A 133 20.84 -2.65 9.45
C GLU A 133 20.00 -2.20 10.64
N GLY A 134 18.88 -2.92 10.87
CA GLY A 134 17.96 -2.56 11.95
C GLY A 134 16.69 -1.82 11.52
N ASP A 135 16.78 -1.21 10.37
CA ASP A 135 15.57 -0.55 9.74
C ASP A 135 14.46 -1.52 9.52
N ILE A 136 13.22 -0.98 9.47
CA ILE A 136 12.14 -1.68 8.87
C ILE A 136 11.67 -0.84 7.64
N VAL A 137 11.30 -1.51 6.57
CA VAL A 137 10.95 -0.78 5.32
C VAL A 137 9.77 -1.48 4.68
N ASN A 138 8.79 -0.64 4.41
CA ASN A 138 7.60 -1.05 3.60
C ASN A 138 7.83 -0.65 2.17
N VAL A 139 7.61 -1.58 1.23
CA VAL A 139 7.49 -1.25 -0.18
C VAL A 139 6.05 -1.49 -0.59
N ASP A 140 5.49 -0.44 -1.25
CA ASP A 140 4.04 -0.46 -1.67
C ASP A 140 4.11 -0.31 -3.18
N ILE A 141 3.49 -1.28 -3.81
CA ILE A 141 3.47 -1.47 -5.23
C ILE A 141 2.05 -1.32 -5.70
N THR A 142 1.93 -0.61 -6.76
CA THR A 142 0.63 -0.59 -7.46
C THR A 142 0.91 -0.61 -8.99
N LEU A 143 0.24 -1.53 -9.69
CA LEU A 143 0.40 -1.65 -11.16
C LEU A 143 -0.94 -1.39 -11.86
N TYR A 144 -0.81 -0.93 -13.12
CA TYR A 144 -1.96 -0.66 -14.00
C TYR A 144 -1.80 -1.44 -15.28
N ARG A 145 -2.81 -2.27 -15.59
CA ARG A 145 -2.75 -3.10 -16.82
C ARG A 145 -4.14 -3.13 -17.43
N ASN A 146 -4.25 -2.80 -18.72
CA ASN A 146 -5.50 -2.96 -19.46
C ASN A 146 -6.70 -2.34 -18.74
N GLY A 147 -6.47 -1.16 -18.18
CA GLY A 147 -7.46 -0.41 -17.42
C GLY A 147 -7.73 -0.77 -15.94
N TYR A 148 -6.96 -1.70 -15.34
CA TYR A 148 -7.18 -2.12 -13.96
C TYR A 148 -5.89 -1.87 -13.13
N HIS A 149 -6.09 -1.42 -11.91
CA HIS A 149 -4.94 -1.28 -10.93
C HIS A 149 -4.97 -2.41 -9.90
N GLY A 150 -3.76 -2.84 -9.36
CA GLY A 150 -3.73 -3.76 -8.35
C GLY A 150 -2.65 -3.29 -7.40
N ASP A 151 -2.92 -3.43 -6.13
CA ASP A 151 -2.24 -2.71 -5.05
C ASP A 151 -1.90 -3.64 -3.84
N LEU A 152 -0.62 -3.64 -3.44
CA LEU A 152 -0.27 -4.40 -2.21
C LEU A 152 1.01 -3.89 -1.60
N ASN A 153 1.20 -4.17 -0.31
CA ASN A 153 2.50 -3.83 0.26
C ASN A 153 2.85 -4.74 1.35
N GLU A 154 4.10 -4.71 1.69
CA GLU A 154 4.56 -5.50 2.86
C GLU A 154 5.67 -4.71 3.51
N THR A 155 5.87 -4.99 4.80
CA THR A 155 6.98 -4.43 5.54
C THR A 155 8.06 -5.55 5.68
N PHE A 156 9.30 -5.12 5.57
CA PHE A 156 10.48 -6.04 5.56
C PHE A 156 11.44 -5.59 6.63
N PHE A 157 12.29 -6.53 7.09
CA PHE A 157 13.39 -6.25 8.00
C PHE A 157 14.70 -6.07 7.23
N VAL A 158 15.52 -5.12 7.67
CA VAL A 158 16.78 -4.86 7.01
C VAL A 158 17.82 -5.51 7.97
N GLY A 159 18.40 -6.64 7.56
CA GLY A 159 19.35 -7.39 8.47
C GLY A 159 18.59 -7.74 9.72
N GLU A 160 19.29 -7.63 10.84
CA GLU A 160 18.73 -8.02 12.11
C GLU A 160 18.01 -6.84 12.70
N VAL A 161 16.82 -7.06 13.24
CA VAL A 161 16.12 -5.98 13.90
C VAL A 161 15.89 -6.32 15.37
N ASP A 162 15.42 -5.36 16.14
CA ASP A 162 15.13 -5.53 17.55
C ASP A 162 13.73 -6.10 17.79
N ASP A 163 13.48 -6.52 19.03
CA ASP A 163 12.24 -7.20 19.36
C ASP A 163 11.00 -6.35 19.09
N GLY A 164 11.13 -5.06 19.36
CA GLY A 164 10.07 -4.05 19.11
C GLY A 164 9.65 -4.07 17.63
N ALA A 165 10.65 -4.15 16.77
CA ALA A 165 10.38 -4.21 15.31
C ALA A 165 9.72 -5.51 14.97
N ARG A 166 10.21 -6.61 15.54
CA ARG A 166 9.52 -7.92 15.28
C ARG A 166 8.08 -7.91 15.70
N LYS A 167 7.83 -7.42 16.91
CA LYS A 167 6.46 -7.35 17.42
C LYS A 167 5.54 -6.40 16.65
N LEU A 168 6.06 -5.21 16.31
CA LEU A 168 5.28 -4.27 15.51
C LEU A 168 4.83 -4.87 14.16
N VAL A 169 5.78 -5.47 13.47
CA VAL A 169 5.56 -5.95 12.10
C VAL A 169 4.63 -7.18 12.17
N GLN A 170 4.89 -8.08 13.11
CA GLN A 170 4.00 -9.25 13.30
C GLN A 170 2.58 -8.82 13.60
N THR A 171 2.40 -7.89 14.54
CA THR A 171 1.05 -7.53 14.94
C THR A 171 0.31 -6.85 13.84
N THR A 172 1.07 -6.07 13.08
CA THR A 172 0.51 -5.37 11.92
C THR A 172 -0.05 -6.37 10.89
N TYR A 173 0.76 -7.38 10.62
CA TYR A 173 0.37 -8.42 9.68
C TYR A 173 -0.87 -9.18 10.20
N GLU A 174 -0.85 -9.51 11.47
CA GLU A 174 -2.04 -10.08 12.10
C GLU A 174 -3.30 -9.21 12.00
N CYS A 175 -3.15 -7.91 12.17
CA CYS A 175 -4.29 -7.01 12.01
C CYS A 175 -4.87 -7.15 10.64
N LEU A 176 -4.01 -7.15 9.63
CA LEU A 176 -4.51 -7.22 8.26
C LEU A 176 -5.32 -8.52 8.06
N MET A 177 -4.70 -9.60 8.46
CA MET A 177 -5.24 -10.94 8.21
C MET A 177 -6.52 -11.18 9.04
N GLN A 178 -6.63 -10.64 10.25
CA GLN A 178 -7.87 -10.79 11.00
C GLN A 178 -9.00 -10.04 10.28
N ALA A 179 -8.68 -8.87 9.73
CA ALA A 179 -9.67 -8.13 8.95
C ALA A 179 -10.09 -8.91 7.70
N ILE A 180 -9.11 -9.45 6.98
CA ILE A 180 -9.41 -10.23 5.76
C ILE A 180 -10.32 -11.41 6.05
N ASP A 181 -10.01 -12.09 7.11
CA ASP A 181 -10.77 -13.28 7.57
C ASP A 181 -12.23 -12.94 7.86
N ALA A 182 -12.53 -11.70 8.18
CA ALA A 182 -13.92 -11.28 8.34
C ALA A 182 -14.64 -10.88 7.08
N VAL A 183 -13.94 -10.76 5.93
CA VAL A 183 -14.59 -10.25 4.74
C VAL A 183 -15.49 -11.28 4.06
N LYS A 184 -16.72 -10.87 3.82
CA LYS A 184 -17.72 -11.74 3.18
C LYS A 184 -19.00 -10.97 2.99
N PRO A 185 -19.91 -11.55 2.13
CA PRO A 185 -21.01 -10.63 1.82
C PRO A 185 -21.80 -10.33 3.04
N GLY A 186 -22.28 -9.11 3.17
CA GLY A 186 -23.10 -8.79 4.31
C GLY A 186 -22.44 -8.11 5.46
N VAL A 187 -21.10 -8.13 5.49
CA VAL A 187 -20.33 -7.41 6.54
C VAL A 187 -20.24 -5.90 6.19
N ARG A 188 -20.44 -5.08 7.20
CA ARG A 188 -20.33 -3.67 7.04
C ARG A 188 -18.83 -3.31 6.91
N TYR A 189 -18.49 -2.46 5.93
CA TYR A 189 -17.08 -1.99 5.84
C TYR A 189 -16.55 -1.40 7.13
N ARG A 190 -17.42 -0.76 7.90
CA ARG A 190 -17.01 -0.08 9.12
C ARG A 190 -16.53 -1.07 10.19
N GLU A 191 -16.96 -2.33 10.11
CA GLU A 191 -16.52 -3.34 11.10
C GLU A 191 -15.02 -3.66 11.09
N LEU A 192 -14.39 -3.55 9.90
CA LEU A 192 -12.95 -3.99 9.75
C LEU A 192 -12.07 -3.24 10.72
N GLY A 193 -12.32 -1.93 10.87
CA GLY A 193 -11.63 -1.07 11.83
C GLY A 193 -11.75 -1.44 13.28
N ASN A 194 -12.91 -2.03 13.62
CA ASN A 194 -13.08 -2.55 14.98
C ASN A 194 -12.17 -3.72 15.26
N ILE A 195 -12.04 -4.60 14.30
CA ILE A 195 -11.21 -5.77 14.45
C ILE A 195 -9.69 -5.39 14.51
N ILE A 196 -9.29 -4.52 13.57
CA ILE A 196 -7.91 -4.05 13.52
C ILE A 196 -7.48 -3.36 14.80
N GLN A 197 -8.28 -2.39 15.24
CA GLN A 197 -7.88 -1.62 16.45
C GLN A 197 -7.81 -2.54 17.68
N LYS A 198 -8.73 -3.48 17.76
CA LYS A 198 -8.79 -4.35 18.94
C LYS A 198 -7.50 -5.11 19.06
N HIS A 199 -6.99 -5.66 17.96
CA HIS A 199 -5.74 -6.42 18.08
C HIS A 199 -4.55 -5.49 18.26
N ALA A 200 -4.54 -4.35 17.53
CA ALA A 200 -3.42 -3.45 17.69
C ALA A 200 -3.35 -2.98 19.15
N GLN A 201 -4.49 -2.57 19.69
CA GLN A 201 -4.47 -2.02 21.06
C GLN A 201 -4.05 -3.06 22.07
N ALA A 202 -4.48 -4.30 21.89
CA ALA A 202 -4.07 -5.37 22.82
C ALA A 202 -2.61 -5.56 22.81
N ASN A 203 -1.91 -5.08 21.77
CA ASN A 203 -0.42 -5.28 21.77
C ASN A 203 0.33 -4.00 22.02
N GLY A 204 -0.41 -3.00 22.49
CA GLY A 204 0.15 -1.71 22.87
C GLY A 204 0.50 -0.78 21.72
N PHE A 205 -0.20 -0.92 20.58
CA PHE A 205 0.08 -0.09 19.40
C PHE A 205 -1.15 0.73 19.10
N SER A 206 -0.94 1.81 18.32
CA SER A 206 -2.03 2.61 17.80
C SER A 206 -2.28 2.46 16.35
N VAL A 207 -3.40 3.03 15.89
CA VAL A 207 -3.90 2.86 14.54
C VAL A 207 -4.03 4.21 13.89
N VAL A 208 -3.32 4.39 12.77
CA VAL A 208 -3.30 5.59 12.03
C VAL A 208 -4.70 5.83 11.51
N ARG A 209 -5.10 7.07 11.64
CA ARG A 209 -6.43 7.53 11.26
C ARG A 209 -6.58 8.19 9.93
N SER A 210 -5.52 8.84 9.44
CA SER A 210 -5.63 9.72 8.31
C SER A 210 -5.66 9.04 6.92
N TYR A 211 -5.27 7.78 6.91
CA TYR A 211 -5.19 6.95 5.71
C TYR A 211 -6.01 5.69 5.86
N CYS A 212 -6.74 5.35 4.78
CA CYS A 212 -7.70 4.26 4.77
C CYS A 212 -7.43 3.31 3.60
N GLY A 213 -8.01 2.10 3.70
CA GLY A 213 -8.15 1.22 2.57
C GLY A 213 -9.16 1.80 1.62
N HIS A 214 -9.24 1.22 0.44
CA HIS A 214 -10.00 1.88 -0.63
C HIS A 214 -10.49 0.89 -1.67
N GLY A 215 -11.62 1.22 -2.28
CA GLY A 215 -11.93 0.55 -3.49
C GLY A 215 -10.83 0.75 -4.54
N ILE A 216 -10.74 -0.22 -5.42
CA ILE A 216 -9.76 -0.19 -6.49
C ILE A 216 -10.20 -1.05 -7.63
N HIS A 217 -10.08 -0.53 -8.86
CA HIS A 217 -10.29 -1.34 -10.05
C HIS A 217 -9.90 -0.56 -11.30
N LYS A 218 -10.89 0.07 -12.00
CA LYS A 218 -10.65 1.03 -13.04
C LYS A 218 -10.06 2.32 -12.51
N LEU A 219 -10.32 2.65 -11.25
CA LEU A 219 -9.82 3.81 -10.58
C LEU A 219 -8.83 3.22 -9.53
N MET A 220 -7.83 3.99 -9.24
CA MET A 220 -6.88 3.58 -8.21
C MET A 220 -7.40 3.70 -6.80
N HIS A 221 -8.08 4.81 -6.50
CA HIS A 221 -8.72 5.08 -5.23
C HIS A 221 -10.18 5.45 -5.48
N THR A 222 -11.09 4.64 -4.97
CA THR A 222 -12.50 4.98 -5.09
C THR A 222 -13.31 4.34 -3.98
N ALA A 223 -14.65 4.45 -4.01
CA ALA A 223 -15.46 3.82 -2.98
C ALA A 223 -15.27 2.31 -2.93
N PRO A 224 -15.24 1.76 -1.74
CA PRO A 224 -15.46 2.33 -0.43
C PRO A 224 -14.21 2.86 0.21
N ASN A 225 -14.38 3.86 1.05
CA ASN A 225 -13.33 4.24 2.00
C ASN A 225 -13.37 3.28 3.14
N VAL A 226 -12.19 2.73 3.52
CA VAL A 226 -12.16 1.68 4.55
C VAL A 226 -11.25 2.06 5.72
N PRO A 227 -11.80 2.71 6.71
CA PRO A 227 -10.96 3.05 7.84
C PRO A 227 -10.47 1.86 8.61
N HIS A 228 -9.32 2.03 9.24
CA HIS A 228 -8.72 0.91 10.00
C HIS A 228 -8.85 1.02 11.52
N TYR A 229 -9.48 2.09 12.00
CA TYR A 229 -9.75 2.30 13.40
C TYR A 229 -11.21 1.99 13.82
N ALA A 230 -11.37 1.86 15.12
CA ALA A 230 -12.69 1.45 15.71
C ALA A 230 -13.73 2.60 15.68
N LYS A 231 -14.98 2.19 15.55
CA LYS A 231 -16.13 3.11 15.63
C LYS A 231 -16.06 4.17 14.60
N ASN A 232 -15.67 3.76 13.41
CA ASN A 232 -15.60 4.69 12.32
C ASN A 232 -16.95 4.69 11.65
N LYS A 233 -17.11 5.60 10.72
CA LYS A 233 -18.39 5.83 10.16
C LYS A 233 -18.44 5.45 8.71
N ALA A 234 -17.62 4.48 8.31
CA ALA A 234 -17.56 4.05 6.90
C ALA A 234 -18.93 3.64 6.40
N VAL A 235 -19.23 3.97 5.15
CA VAL A 235 -20.51 3.72 4.56
C VAL A 235 -20.47 2.50 3.70
N GLY A 236 -21.43 1.60 3.92
CA GLY A 236 -21.58 0.50 2.98
C GLY A 236 -21.45 -0.91 3.48
N VAL A 237 -21.92 -1.82 2.64
CA VAL A 237 -21.99 -3.24 2.99
C VAL A 237 -21.38 -4.11 1.92
N MET A 238 -20.55 -5.05 2.36
CA MET A 238 -19.84 -5.86 1.40
C MET A 238 -20.86 -6.70 0.61
N LYS A 239 -20.57 -6.90 -0.67
CA LYS A 239 -21.31 -7.75 -1.57
C LYS A 239 -20.37 -8.47 -2.50
N SER A 240 -20.70 -9.70 -2.86
CA SER A 240 -19.93 -10.43 -3.91
C SER A 240 -19.69 -9.56 -5.13
N GLY A 241 -18.45 -9.48 -5.61
CA GLY A 241 -18.13 -8.57 -6.73
C GLY A 241 -17.52 -7.19 -6.30
N HIS A 242 -17.42 -6.90 -4.99
CA HIS A 242 -16.81 -5.72 -4.56
C HIS A 242 -15.24 -6.03 -4.53
N VAL A 243 -14.45 -5.03 -4.91
CA VAL A 243 -12.97 -5.11 -4.83
C VAL A 243 -12.45 -3.90 -4.06
N PHE A 244 -11.58 -4.14 -3.08
CA PHE A 244 -11.12 -3.04 -2.27
C PHE A 244 -9.84 -3.52 -1.54
N THR A 245 -9.10 -2.58 -1.01
CA THR A 245 -7.94 -2.95 -0.20
C THR A 245 -8.18 -2.75 1.25
N ILE A 246 -7.38 -3.43 2.04
CA ILE A 246 -7.24 -3.14 3.44
C ILE A 246 -5.74 -2.94 3.67
N GLU A 247 -5.35 -1.86 4.37
CA GLU A 247 -3.91 -1.51 4.49
C GLU A 247 -3.57 -0.82 5.81
N PRO A 248 -3.73 -1.54 6.92
CA PRO A 248 -3.59 -0.89 8.29
C PRO A 248 -2.15 -0.43 8.50
N MET A 249 -2.01 0.79 8.96
CA MET A 249 -0.78 1.33 9.51
C MET A 249 -0.93 1.42 11.02
N ILE A 250 0.01 0.78 11.69
CA ILE A 250 0.03 0.57 13.13
C ILE A 250 1.33 1.17 13.63
N CYS A 251 1.30 1.83 14.79
CA CYS A 251 2.47 2.55 15.26
C CYS A 251 2.81 2.18 16.68
N GLU A 252 4.09 2.28 16.98
CA GLU A 252 4.59 1.97 18.30
C GLU A 252 4.17 2.97 19.34
N GLY A 253 4.07 4.25 18.99
CA GLY A 253 3.62 5.25 19.95
C GLY A 253 2.21 5.67 19.64
N GLY A 254 2.06 6.96 19.39
CA GLY A 254 0.74 7.56 19.11
C GLY A 254 0.29 7.42 17.65
N TRP A 255 -0.98 7.64 17.37
CA TRP A 255 -1.49 7.49 15.99
C TRP A 255 -1.37 8.71 15.07
N GLN A 256 -1.03 9.87 15.66
CA GLN A 256 -1.05 11.11 14.89
C GLN A 256 0.08 11.09 13.82
N ASP A 257 -0.31 11.57 12.66
CA ASP A 257 0.61 11.75 11.53
C ASP A 257 0.75 13.21 11.17
N GLU A 258 1.83 13.48 10.45
CA GLU A 258 2.01 14.72 9.72
C GLU A 258 2.79 14.43 8.42
N THR A 259 2.85 15.39 7.56
CA THR A 259 3.38 15.19 6.24
C THR A 259 4.63 16.03 6.04
N TRP A 260 5.71 15.44 5.53
CA TRP A 260 6.92 16.21 5.10
C TRP A 260 6.61 17.34 4.09
N PRO A 261 7.53 18.31 3.98
CA PRO A 261 7.40 19.37 2.99
C PRO A 261 7.27 18.85 1.54
N ASP A 262 7.74 17.62 1.28
CA ASP A 262 7.57 17.05 -0.02
C ASP A 262 6.09 16.87 -0.40
N GLY A 263 5.15 16.96 0.54
CA GLY A 263 3.74 16.80 0.22
C GLY A 263 3.24 15.34 0.27
N TRP A 264 4.11 14.36 0.49
CA TRP A 264 3.75 12.92 0.45
C TRP A 264 4.13 12.13 1.67
N THR A 265 5.37 12.33 2.13
CA THR A 265 5.85 11.45 3.14
C THR A 265 5.08 11.70 4.42
N ALA A 266 4.40 10.67 4.90
CA ALA A 266 3.64 10.74 6.15
C ALA A 266 4.43 10.12 7.22
N VAL A 267 4.54 10.79 8.36
CA VAL A 267 5.47 10.33 9.44
C VAL A 267 4.64 10.42 10.75
N THR A 268 4.97 9.56 11.65
CA THR A 268 4.47 9.69 13.02
C THR A 268 4.96 11.04 13.61
N ARG A 269 4.04 11.74 14.27
CA ARG A 269 4.37 13.02 14.93
C ARG A 269 5.38 12.82 16.07
N ASP A 270 5.38 11.64 16.67
CA ASP A 270 6.33 11.33 17.78
C ASP A 270 7.61 10.73 17.32
N GLY A 271 7.74 10.44 16.01
CA GLY A 271 9.01 9.81 15.56
C GLY A 271 9.26 8.34 15.87
N LYS A 272 8.25 7.64 16.37
CA LYS A 272 8.33 6.23 16.67
C LYS A 272 7.95 5.43 15.37
N ARG A 273 8.14 4.12 15.37
CA ARG A 273 8.06 3.39 14.11
C ARG A 273 6.60 3.07 13.77
N SER A 274 6.37 2.89 12.46
CA SER A 274 5.06 2.44 11.97
C SER A 274 5.29 1.28 11.00
N ALA A 275 4.36 0.34 10.97
CA ALA A 275 4.32 -0.69 9.99
C ALA A 275 2.99 -0.83 9.29
N GLN A 276 3.04 -1.39 8.07
CA GLN A 276 1.83 -1.55 7.21
C GLN A 276 1.88 -2.84 6.39
N PHE A 277 0.72 -3.45 6.11
CA PHE A 277 0.62 -4.48 5.11
C PHE A 277 -0.67 -4.10 4.34
N GLU A 278 -0.72 -4.49 3.05
CA GLU A 278 -1.90 -4.26 2.20
C GLU A 278 -2.10 -5.44 1.26
N HIS A 279 -3.37 -5.82 1.08
CA HIS A 279 -3.77 -6.64 0.00
C HIS A 279 -4.98 -5.97 -0.70
N THR A 280 -5.16 -6.36 -1.93
CA THR A 280 -6.41 -6.08 -2.72
C THR A 280 -7.30 -7.34 -2.63
N LEU A 281 -8.57 -7.16 -2.26
CA LEU A 281 -9.42 -8.25 -1.95
C LEU A 281 -10.67 -8.21 -2.89
N LEU A 282 -11.07 -9.37 -3.35
CA LEU A 282 -12.38 -9.48 -4.04
C LEU A 282 -13.35 -10.25 -3.13
N VAL A 283 -14.53 -9.69 -2.95
CA VAL A 283 -15.55 -10.32 -2.11
C VAL A 283 -16.21 -11.34 -3.05
N THR A 284 -16.30 -12.57 -2.60
CA THR A 284 -16.93 -13.64 -3.41
C THR A 284 -18.34 -13.91 -2.84
N ASP A 285 -18.99 -15.00 -3.30
CA ASP A 285 -20.41 -15.22 -2.90
C ASP A 285 -20.41 -15.65 -1.46
N THR A 286 -19.29 -16.24 -1.01
CA THR A 286 -19.23 -16.68 0.39
C THR A 286 -18.07 -16.11 1.28
N GLY A 287 -17.16 -15.29 0.73
CA GLY A 287 -15.92 -14.97 1.49
C GLY A 287 -15.14 -13.89 0.73
N CYS A 288 -13.86 -14.16 0.59
CA CYS A 288 -12.89 -13.20 0.06
C CYS A 288 -11.80 -13.89 -0.78
N GLU A 289 -11.45 -13.39 -1.96
CA GLU A 289 -10.31 -13.86 -2.74
C GLU A 289 -9.18 -12.83 -2.58
N ILE A 290 -8.02 -13.25 -2.13
CA ILE A 290 -6.95 -12.31 -1.88
C ILE A 290 -6.14 -12.25 -3.18
N LEU A 291 -6.38 -11.22 -3.97
CA LEU A 291 -5.90 -11.15 -5.32
C LEU A 291 -4.39 -10.96 -5.37
N THR A 292 -3.84 -10.39 -4.29
CA THR A 292 -2.42 -10.05 -4.19
C THR A 292 -1.65 -11.00 -3.34
N ARG A 293 -2.28 -12.14 -3.00
CA ARG A 293 -1.56 -13.16 -2.24
C ARG A 293 -0.41 -13.75 -2.97
N ARG A 294 0.53 -14.24 -2.20
CA ARG A 294 1.51 -15.14 -2.79
C ARG A 294 0.96 -16.45 -3.24
N LEU A 295 1.40 -16.96 -4.40
CA LEU A 295 0.82 -18.18 -4.92
C LEU A 295 1.68 -19.38 -4.63
N ASP A 296 2.93 -19.08 -4.30
CA ASP A 296 3.94 -20.06 -4.24
C ASP A 296 4.61 -20.26 -2.93
N SER A 297 4.18 -19.54 -1.89
CA SER A 297 4.87 -19.56 -0.65
C SER A 297 3.89 -19.15 0.44
N ALA A 298 3.95 -19.87 1.57
CA ALA A 298 2.93 -19.78 2.60
C ALA A 298 2.81 -18.41 3.36
N ARG A 299 3.93 -17.74 3.51
CA ARG A 299 4.03 -16.64 4.42
C ARG A 299 4.58 -15.34 3.74
N PRO A 300 4.33 -14.18 4.34
CA PRO A 300 4.92 -12.94 3.89
C PRO A 300 6.42 -13.00 4.05
N HIS A 301 7.10 -12.11 3.34
CA HIS A 301 8.55 -12.13 3.28
C HIS A 301 9.19 -12.00 4.62
N PHE A 302 8.65 -11.22 5.53
CA PHE A 302 9.34 -11.04 6.82
C PHE A 302 9.37 -12.35 7.66
N MET A 303 8.48 -13.28 7.37
CA MET A 303 8.36 -14.54 8.17
CA MET A 303 8.37 -14.54 8.14
C MET A 303 9.07 -15.66 7.42
N SER A 304 9.77 -15.31 6.34
CA SER A 304 10.36 -16.30 5.44
C SER A 304 11.87 -16.04 5.59
#